data_6VEK
#
_entry.id   6VEK
#
_cell.length_a   41.000
_cell.length_b   71.769
_cell.length_c   175.538
_cell.angle_alpha   90.000
_cell.angle_beta   90.000
_cell.angle_gamma   90.000
#
_symmetry.space_group_name_H-M   'P 21 21 21'
#
loop_
_entity.id
_entity.type
_entity.pdbx_description
1 polymer 'contact-dependent toxin CdiA'
2 polymer 'contact-dependent immunity protein CdiI'
3 water water
#
loop_
_entity_poly.entity_id
_entity_poly.type
_entity_poly.pdbx_seq_one_letter_code
_entity_poly.pdbx_strand_id
1 'polypeptide(L)'
;MVENNYLSVSEKTELEIAKQKLKNSKDPAEREKAQQKYDALLEKDISSDKAVITACSNGQAASAACAGERLKVIAAKGGY
ETGHYNNQVSDMYPDAYGQIVNLLNITSVDAQNQQQVKDAMVNYAMVQFGVDRATAQAYVETYDGMKVVAASMAPVIGAA
AASKIEVLAGKQRLSNSFEVSSLPDANGKNHITAVKGDAKIPVDKIELYMRGKASGDLDSLQAEYNSLKDARISSQKEFA
KDPNNAKRMEVLEKQIHNIERSQDMARVLEQAGIVNTASNNSMIMDKLLDSAQGATSANRKTSVVVSGPNGNVRIYATWT
ILPDGTKRLSTVNTGTFK
;
A
2 'polypeptide(L)'
;MINVNSTAKDIEGLESYLANGYVEANSFNDPEDDALECLSNLLVKDSRGGLSFCKKILNSNNIDGVFIKGSALNFLLLSE
QWSYAFEYLTSNADNITLAELEKALFYFYCAKNETDPYPVPEGLFKKLMKRYEELKNDPDAKFYHLHETYDDFSKAYPLN
NHHHHHH
;
I
#
# COMPACT_ATOMS: atom_id res chain seq x y z
N GLU A 3 -29.92 26.93 -15.56
CA GLU A 3 -28.58 26.99 -14.99
C GLU A 3 -27.97 25.58 -14.84
N ASN A 4 -28.82 24.59 -14.53
CA ASN A 4 -28.44 23.18 -14.51
C ASN A 4 -29.44 22.42 -15.38
N ASN A 5 -29.33 22.61 -16.70
CA ASN A 5 -30.37 22.19 -17.63
C ASN A 5 -30.49 20.68 -17.77
N TYR A 6 -29.48 19.91 -17.36
CA TYR A 6 -29.51 18.47 -17.52
C TYR A 6 -29.57 17.73 -16.19
N LEU A 7 -30.12 18.37 -15.16
CA LEU A 7 -30.47 17.72 -13.92
C LEU A 7 -31.99 17.57 -13.87
N SER A 8 -32.45 16.44 -13.33
CA SER A 8 -33.86 16.27 -13.07
C SER A 8 -34.34 17.23 -11.96
N VAL A 9 -35.66 17.34 -11.83
CA VAL A 9 -36.25 18.15 -10.77
C VAL A 9 -35.75 17.71 -9.40
N SER A 10 -35.75 16.40 -9.14
CA SER A 10 -35.22 15.86 -7.88
C SER A 10 -33.77 16.23 -7.68
N GLU A 11 -32.96 16.15 -8.74
CA GLU A 11 -31.54 16.45 -8.59
C GLU A 11 -31.30 17.93 -8.32
N LYS A 12 -32.06 18.82 -8.95
CA LYS A 12 -32.00 20.24 -8.62
C LYS A 12 -32.28 20.49 -7.15
N THR A 13 -33.24 19.76 -6.58
CA THR A 13 -33.53 19.90 -5.15
C THR A 13 -32.34 19.44 -4.32
N GLU A 14 -31.75 18.30 -4.67
CA GLU A 14 -30.62 17.81 -3.90
C GLU A 14 -29.42 18.74 -3.99
N LEU A 15 -29.23 19.38 -5.16
CA LEU A 15 -28.09 20.27 -5.35
C LEU A 15 -28.22 21.47 -4.44
N GLU A 16 -29.44 21.99 -4.31
CA GLU A 16 -29.72 23.12 -3.45
C GLU A 16 -29.54 22.75 -1.98
N ILE A 17 -29.98 21.57 -1.57
CA ILE A 17 -29.74 21.13 -0.19
C ILE A 17 -28.25 21.01 0.09
N ALA A 18 -27.48 20.42 -0.84
CA ALA A 18 -26.03 20.33 -0.70
C ALA A 18 -25.38 21.71 -0.54
N LYS A 19 -25.77 22.68 -1.37
CA LYS A 19 -25.25 24.04 -1.25
C LYS A 19 -25.53 24.63 0.12
N GLN A 20 -26.74 24.38 0.65
CA GLN A 20 -27.11 24.93 1.96
C GLN A 20 -26.28 24.29 3.07
N LYS A 21 -26.19 22.96 3.09
CA LYS A 21 -25.38 22.24 4.09
C LYS A 21 -23.91 22.65 4.02
N LEU A 22 -23.37 22.80 2.81
CA LEU A 22 -22.02 23.34 2.64
C LEU A 22 -21.83 24.68 3.35
N LYS A 23 -22.85 25.52 3.30
CA LYS A 23 -22.74 26.87 3.83
C LYS A 23 -23.04 26.93 5.33
N ASN A 24 -24.03 26.16 5.81
CA ASN A 24 -24.56 26.33 7.17
C ASN A 24 -24.11 25.28 8.17
N SER A 25 -23.79 24.06 7.75
CA SER A 25 -23.49 23.02 8.74
C SER A 25 -22.23 23.35 9.52
N LYS A 26 -22.27 23.08 10.81
CA LYS A 26 -21.12 23.18 11.68
C LYS A 26 -20.44 21.83 11.87
N ASP A 27 -20.76 20.86 11.02
CA ASP A 27 -20.18 19.52 11.09
C ASP A 27 -19.31 19.30 9.87
N PRO A 28 -17.98 19.27 10.01
CA PRO A 28 -17.12 19.12 8.82
C PRO A 28 -17.39 17.84 8.05
N ALA A 29 -17.87 16.78 8.71
CA ALA A 29 -18.17 15.53 8.01
C ALA A 29 -19.40 15.70 7.14
N GLU A 30 -20.41 16.41 7.65
CA GLU A 30 -21.60 16.72 6.87
C GLU A 30 -21.30 17.67 5.71
N ARG A 31 -20.40 18.64 5.92
CA ARG A 31 -20.00 19.49 4.80
C ARG A 31 -19.20 18.69 3.77
N GLU A 32 -18.37 17.74 4.21
CA GLU A 32 -17.63 16.95 3.24
C GLU A 32 -18.57 16.07 2.41
N LYS A 33 -19.54 15.42 3.06
CA LYS A 33 -20.58 14.72 2.32
C LYS A 33 -21.32 15.64 1.36
N ALA A 34 -21.62 16.87 1.80
CA ALA A 34 -22.37 17.76 0.95
C ALA A 34 -21.55 18.21 -0.25
N GLN A 35 -20.23 18.40 -0.06
CA GLN A 35 -19.36 18.76 -1.17
C GLN A 35 -19.29 17.63 -2.21
N GLN A 36 -19.12 16.40 -1.74
CA GLN A 36 -19.18 15.24 -2.62
C GLN A 36 -20.52 15.16 -3.36
N LYS A 37 -21.63 15.46 -2.67
CA LYS A 37 -22.94 15.42 -3.31
C LYS A 37 -23.07 16.51 -4.37
N TYR A 38 -22.65 17.74 -4.03
CA TYR A 38 -22.61 18.82 -5.00
C TYR A 38 -21.78 18.42 -6.24
N ASP A 39 -20.59 17.85 -6.00
CA ASP A 39 -19.71 17.49 -7.12
C ASP A 39 -20.31 16.38 -7.98
N ALA A 40 -20.98 15.39 -7.36
CA ALA A 40 -21.55 14.30 -8.15
C ALA A 40 -22.72 14.77 -8.99
N LEU A 41 -23.49 15.75 -8.47
CA LEU A 41 -24.59 16.30 -9.25
C LEU A 41 -24.10 17.16 -10.41
N LEU A 42 -23.02 17.94 -10.20
CA LEU A 42 -22.43 18.72 -11.28
C LEU A 42 -21.88 17.81 -12.38
N GLU A 43 -21.24 16.71 -12.01
CA GLU A 43 -20.74 15.76 -12.99
C GLU A 43 -21.87 15.16 -13.81
N LYS A 44 -22.99 14.84 -13.16
CA LYS A 44 -24.13 14.34 -13.91
C LYS A 44 -24.66 15.39 -14.88
N ASP A 45 -24.60 16.66 -14.49
CA ASP A 45 -25.10 17.72 -15.34
C ASP A 45 -24.25 17.87 -16.60
N ILE A 46 -22.94 18.01 -16.41
CA ILE A 46 -21.98 18.15 -17.51
C ILE A 46 -22.02 16.92 -18.41
N SER A 47 -21.92 15.72 -17.82
CA SER A 47 -21.87 14.52 -18.65
C SER A 47 -23.19 14.21 -19.33
N SER A 48 -24.29 14.84 -18.92
CA SER A 48 -25.59 14.68 -19.59
C SER A 48 -25.84 15.73 -20.67
N ASP A 49 -24.94 16.70 -20.86
CA ASP A 49 -25.02 17.55 -22.04
C ASP A 49 -24.97 16.72 -23.32
N LYS A 50 -25.83 17.09 -24.29
CA LYS A 50 -25.94 16.30 -25.52
C LYS A 50 -24.64 16.29 -26.31
N ALA A 51 -23.91 17.41 -26.34
CA ALA A 51 -22.65 17.41 -27.08
C ALA A 51 -21.56 16.67 -26.32
N VAL A 52 -21.59 16.75 -24.98
CA VAL A 52 -20.66 15.96 -24.19
C VAL A 52 -20.92 14.47 -24.39
N ILE A 53 -22.20 14.07 -24.45
CA ILE A 53 -22.52 12.65 -24.68
C ILE A 53 -21.93 12.18 -26.00
N THR A 54 -22.17 12.94 -27.07
CA THR A 54 -21.69 12.56 -28.39
C THR A 54 -20.17 12.35 -28.41
N ALA A 55 -19.43 13.25 -27.74
CA ALA A 55 -17.97 13.25 -27.77
C ALA A 55 -17.33 12.30 -26.78
N CYS A 56 -18.07 11.87 -25.75
CA CYS A 56 -17.49 11.16 -24.61
C CYS A 56 -17.94 9.73 -24.48
N SER A 57 -18.88 9.28 -25.28
CA SER A 57 -19.45 7.96 -25.06
C SER A 57 -18.69 6.90 -25.87
N ASN A 58 -19.08 5.64 -25.64
CA ASN A 58 -18.49 4.43 -26.26
C ASN A 58 -16.96 4.49 -26.28
N GLY A 59 -16.38 4.60 -25.09
CA GLY A 59 -14.94 4.47 -24.97
C GLY A 59 -14.15 5.69 -25.34
N GLN A 60 -14.79 6.84 -25.55
CA GLN A 60 -14.10 8.05 -25.96
C GLN A 60 -13.96 9.05 -24.82
N ALA A 61 -14.21 8.63 -23.56
CA ALA A 61 -14.21 9.59 -22.46
C ALA A 61 -12.85 10.26 -22.26
N ALA A 62 -11.75 9.63 -22.69
CA ALA A 62 -10.42 10.18 -22.52
C ALA A 62 -9.94 11.01 -23.71
N SER A 63 -10.73 11.12 -24.79
CA SER A 63 -10.31 11.84 -25.97
C SER A 63 -10.30 13.35 -25.74
N ALA A 64 -9.49 14.03 -26.55
CA ALA A 64 -9.45 15.48 -26.59
C ALA A 64 -10.81 16.07 -26.94
N ALA A 65 -11.54 15.43 -27.86
CA ALA A 65 -12.89 15.89 -28.20
C ALA A 65 -13.78 15.91 -26.97
N CYS A 66 -13.72 14.83 -26.18
CA CYS A 66 -14.55 14.74 -24.99
C CYS A 66 -14.20 15.84 -23.99
N ALA A 67 -12.91 16.03 -23.70
CA ALA A 67 -12.55 17.07 -22.73
C ALA A 67 -12.88 18.47 -23.25
N GLY A 68 -12.77 18.69 -24.56
CA GLY A 68 -13.08 19.98 -25.14
C GLY A 68 -14.56 20.34 -25.07
N GLU A 69 -15.45 19.36 -25.32
CA GLU A 69 -16.88 19.59 -25.15
C GLU A 69 -17.22 19.90 -23.70
N ARG A 70 -16.67 19.12 -22.76
CA ARG A 70 -16.91 19.41 -21.35
C ARG A 70 -16.44 20.82 -20.99
N LEU A 71 -15.29 21.24 -21.53
CA LEU A 71 -14.82 22.60 -21.29
C LEU A 71 -15.81 23.64 -21.77
N LYS A 72 -16.31 23.48 -23.01
CA LYS A 72 -17.31 24.41 -23.53
C LYS A 72 -18.51 24.53 -22.57
N VAL A 73 -19.01 23.40 -22.09
CA VAL A 73 -20.18 23.41 -21.21
C VAL A 73 -19.88 24.18 -19.94
N ILE A 74 -18.74 23.89 -19.31
CA ILE A 74 -18.35 24.55 -18.05
C ILE A 74 -18.13 26.04 -18.25
N ALA A 75 -17.67 26.47 -19.43
CA ALA A 75 -17.55 27.90 -19.68
C ALA A 75 -18.92 28.56 -19.77
N ALA A 76 -19.92 27.84 -20.28
CA ALA A 76 -21.24 28.44 -20.46
C ALA A 76 -21.94 28.68 -19.12
N LYS A 77 -21.73 27.79 -18.14
CA LYS A 77 -22.26 27.99 -16.80
C LYS A 77 -21.29 28.76 -15.89
N GLY A 78 -20.50 29.65 -16.46
CA GLY A 78 -19.62 30.51 -15.67
C GLY A 78 -19.74 31.98 -16.04
N TYR A 93 -7.60 30.38 -16.02
CA TYR A 93 -7.84 28.93 -15.95
C TYR A 93 -8.06 28.25 -17.31
N PRO A 94 -8.96 28.79 -18.16
CA PRO A 94 -9.22 28.13 -19.45
C PRO A 94 -8.02 27.99 -20.38
N ASP A 95 -6.96 28.79 -20.20
CA ASP A 95 -5.76 28.61 -21.02
C ASP A 95 -4.88 27.47 -20.50
N ALA A 96 -4.93 27.18 -19.19
CA ALA A 96 -4.21 26.02 -18.68
C ALA A 96 -4.85 24.74 -19.19
N TYR A 97 -6.19 24.73 -19.28
CA TYR A 97 -6.85 23.53 -19.77
C TYR A 97 -6.66 23.35 -21.26
N GLY A 98 -6.40 24.43 -22.00
CA GLY A 98 -6.13 24.31 -23.43
C GLY A 98 -4.88 23.51 -23.72
N GLN A 99 -3.78 23.82 -23.03
N GLN A 99 -3.79 23.84 -23.02
CA GLN A 99 -2.58 23.01 -23.23
CA GLN A 99 -2.55 23.07 -23.10
C GLN A 99 -2.80 21.57 -22.76
C GLN A 99 -2.78 21.60 -22.73
N ILE A 100 -3.67 21.35 -21.76
CA ILE A 100 -3.91 20.01 -21.23
C ILE A 100 -4.77 19.18 -22.20
N VAL A 101 -5.82 19.80 -22.77
CA VAL A 101 -6.69 19.11 -23.71
C VAL A 101 -5.90 18.61 -24.91
N ASN A 102 -4.92 19.39 -25.37
CA ASN A 102 -4.11 18.99 -26.51
C ASN A 102 -3.28 17.74 -26.22
N LEU A 103 -2.85 17.54 -24.97
CA LEU A 103 -2.07 16.34 -24.64
C LEU A 103 -2.88 15.05 -24.80
N LEU A 104 -4.21 15.14 -24.83
CA LEU A 104 -5.01 13.92 -24.86
C LEU A 104 -4.96 13.21 -26.21
N ASN A 105 -4.46 13.86 -27.26
CA ASN A 105 -4.22 13.14 -28.50
C ASN A 105 -2.97 12.27 -28.43
N ILE A 106 -2.05 12.54 -27.50
CA ILE A 106 -0.81 11.77 -27.41
C ILE A 106 -1.11 10.33 -27.00
N THR A 107 -0.46 9.37 -27.64
CA THR A 107 -0.52 8.00 -27.18
C THR A 107 0.80 7.50 -26.60
N SER A 108 1.92 8.07 -27.00
CA SER A 108 3.20 7.73 -26.42
C SER A 108 4.03 8.99 -26.21
N VAL A 109 4.69 9.07 -25.07
CA VAL A 109 5.55 10.20 -24.76
C VAL A 109 6.96 9.84 -25.17
N ASP A 110 7.55 10.66 -26.04
CA ASP A 110 8.94 10.51 -26.44
C ASP A 110 9.57 11.89 -26.42
N ALA A 111 10.76 11.98 -27.03
CA ALA A 111 11.48 13.25 -27.09
C ALA A 111 10.70 14.35 -27.79
N GLN A 112 9.80 13.99 -28.73
CA GLN A 112 9.06 15.02 -29.48
C GLN A 112 8.19 15.88 -28.56
N ASN A 113 7.53 15.25 -27.60
CA ASN A 113 6.46 15.91 -26.85
C ASN A 113 6.64 15.87 -25.34
N GLN A 114 7.72 15.28 -24.81
CA GLN A 114 7.84 15.17 -23.36
C GLN A 114 7.84 16.54 -22.70
N GLN A 115 8.55 17.53 -23.28
CA GLN A 115 8.56 18.85 -22.66
C GLN A 115 7.20 19.52 -22.76
N GLN A 116 6.48 19.27 -23.84
CA GLN A 116 5.09 19.74 -23.90
C GLN A 116 4.26 19.18 -22.74
N VAL A 117 4.46 17.91 -22.42
CA VAL A 117 3.71 17.32 -21.30
C VAL A 117 4.13 17.98 -19.98
N LYS A 118 5.44 18.08 -19.74
CA LYS A 118 5.93 18.66 -18.49
C LYS A 118 5.44 20.09 -18.28
N ASP A 119 5.60 20.96 -19.30
CA ASP A 119 5.24 22.37 -19.14
C ASP A 119 3.75 22.54 -18.87
N ALA A 120 2.90 21.73 -19.50
CA ALA A 120 1.46 21.87 -19.26
C ALA A 120 1.10 21.49 -17.82
N MET A 121 1.79 20.47 -17.27
CA MET A 121 1.58 20.08 -15.87
C MET A 121 2.04 21.18 -14.92
N VAL A 122 3.23 21.73 -15.16
CA VAL A 122 3.78 22.79 -14.31
C VAL A 122 2.89 24.04 -14.36
N ASN A 123 2.54 24.48 -15.55
CA ASN A 123 1.72 25.68 -15.68
C ASN A 123 0.36 25.47 -15.03
N TYR A 124 -0.21 24.25 -15.14
CA TYR A 124 -1.50 23.98 -14.53
C TYR A 124 -1.41 24.00 -13.01
N ALA A 125 -0.36 23.38 -12.45
CA ALA A 125 -0.22 23.33 -11.00
C ALA A 125 -0.07 24.74 -10.41
N MET A 126 0.51 25.67 -11.18
CA MET A 126 0.64 27.04 -10.68
C MET A 126 -0.72 27.71 -10.59
N VAL A 127 -1.56 27.54 -11.63
CA VAL A 127 -2.84 28.21 -11.71
C VAL A 127 -3.82 27.57 -10.73
N GLN A 128 -3.82 26.26 -10.65
CA GLN A 128 -4.79 25.55 -9.82
C GLN A 128 -4.44 25.62 -8.33
N PHE A 129 -3.17 25.51 -7.97
CA PHE A 129 -2.81 25.47 -6.56
C PHE A 129 -2.17 26.77 -6.06
N GLY A 130 -1.94 27.74 -6.94
CA GLY A 130 -1.40 29.02 -6.54
C GLY A 130 0.06 29.02 -6.19
N VAL A 131 0.80 27.94 -6.48
CA VAL A 131 2.20 27.86 -6.09
C VAL A 131 3.09 28.54 -7.13
N ASP A 132 4.31 28.89 -6.73
CA ASP A 132 5.23 29.45 -7.70
C ASP A 132 5.82 28.34 -8.57
N ARG A 133 6.61 28.74 -9.57
CA ARG A 133 7.02 27.80 -10.59
C ARG A 133 7.88 26.68 -10.00
N ALA A 134 8.87 27.03 -9.18
CA ALA A 134 9.74 26.01 -8.59
C ALA A 134 8.94 25.04 -7.72
N THR A 135 7.95 25.54 -6.99
CA THR A 135 7.12 24.65 -6.18
C THR A 135 6.23 23.76 -7.04
N ALA A 136 5.67 24.30 -8.13
CA ALA A 136 4.87 23.47 -9.04
C ALA A 136 5.73 22.37 -9.68
N GLN A 137 6.98 22.70 -10.06
CA GLN A 137 7.85 21.70 -10.66
C GLN A 137 8.13 20.54 -9.71
N ALA A 138 8.48 20.86 -8.46
CA ALA A 138 8.72 19.79 -7.47
C ALA A 138 7.47 18.97 -7.21
N TYR A 139 6.29 19.58 -7.30
N TYR A 139 6.29 19.61 -7.24
CA TYR A 139 5.08 18.82 -7.07
CA TYR A 139 5.04 18.89 -7.08
C TYR A 139 4.80 17.84 -8.20
C TYR A 139 4.86 17.85 -8.19
N VAL A 140 4.94 18.30 -9.45
CA VAL A 140 4.59 17.46 -10.58
C VAL A 140 5.64 16.40 -10.87
N GLU A 141 6.88 16.58 -10.43
CA GLU A 141 7.91 15.57 -10.64
C GLU A 141 7.81 14.38 -9.67
N THR A 142 6.76 14.28 -8.86
CA THR A 142 6.63 13.15 -7.95
C THR A 142 5.38 12.36 -8.31
N TYR A 143 5.41 11.06 -8.03
CA TYR A 143 4.23 10.25 -8.30
C TYR A 143 3.05 10.74 -7.47
N ASP A 144 3.29 10.99 -6.17
CA ASP A 144 2.18 11.36 -5.28
C ASP A 144 1.72 12.79 -5.58
N GLY A 145 2.64 13.71 -5.84
CA GLY A 145 2.25 15.05 -6.26
C GLY A 145 1.45 15.02 -7.55
N MET A 146 1.91 14.24 -8.52
CA MET A 146 1.23 14.23 -9.80
C MET A 146 -0.13 13.54 -9.70
N LYS A 147 -0.29 12.61 -8.75
CA LYS A 147 -1.60 12.01 -8.54
C LYS A 147 -2.61 13.06 -8.06
N VAL A 148 -2.21 13.90 -7.10
CA VAL A 148 -3.07 15.00 -6.64
C VAL A 148 -3.36 15.96 -7.79
N VAL A 149 -2.34 16.28 -8.59
CA VAL A 149 -2.52 17.24 -9.68
C VAL A 149 -3.50 16.71 -10.73
N ALA A 150 -3.36 15.44 -11.13
CA ALA A 150 -4.27 14.92 -12.14
C ALA A 150 -5.67 14.75 -11.58
N ALA A 151 -5.77 14.26 -10.34
CA ALA A 151 -7.06 14.13 -9.68
C ALA A 151 -7.82 15.46 -9.66
N SER A 152 -7.13 16.58 -9.45
CA SER A 152 -7.81 17.89 -9.39
C SER A 152 -8.40 18.30 -10.74
N MET A 153 -7.98 17.68 -11.84
CA MET A 153 -8.54 17.97 -13.16
C MET A 153 -9.86 17.27 -13.42
N ALA A 154 -10.12 16.15 -12.74
CA ALA A 154 -11.26 15.30 -13.05
C ALA A 154 -12.61 16.02 -13.10
N PRO A 155 -12.97 16.91 -12.17
CA PRO A 155 -14.28 17.58 -12.30
C PRO A 155 -14.44 18.34 -13.61
N VAL A 156 -13.36 18.90 -14.16
CA VAL A 156 -13.45 19.68 -15.40
C VAL A 156 -13.41 18.76 -16.62
N ILE A 157 -12.30 18.04 -16.80
CA ILE A 157 -12.13 17.25 -18.02
C ILE A 157 -12.70 15.85 -17.95
N GLY A 158 -13.19 15.41 -16.79
CA GLY A 158 -13.72 14.06 -16.59
C GLY A 158 -12.66 13.12 -16.06
N ALA A 159 -13.14 12.08 -15.34
CA ALA A 159 -12.23 11.12 -14.69
C ALA A 159 -11.35 10.38 -15.70
N ALA A 160 -11.90 9.93 -16.83
CA ALA A 160 -11.09 9.15 -17.75
C ALA A 160 -9.95 9.99 -18.34
N ALA A 161 -10.25 11.24 -18.71
CA ALA A 161 -9.22 12.13 -19.23
C ALA A 161 -8.18 12.47 -18.16
N ALA A 162 -8.62 12.74 -16.92
CA ALA A 162 -7.68 13.03 -15.83
C ALA A 162 -6.75 11.85 -15.58
N SER A 163 -7.30 10.63 -15.62
CA SER A 163 -6.49 9.43 -15.50
C SER A 163 -5.46 9.33 -16.63
N LYS A 164 -5.89 9.58 -17.88
CA LYS A 164 -4.92 9.56 -18.98
C LYS A 164 -3.80 10.57 -18.76
N ILE A 165 -4.14 11.78 -18.29
CA ILE A 165 -3.12 12.80 -18.01
C ILE A 165 -2.12 12.28 -16.99
N GLU A 166 -2.59 11.60 -15.95
CA GLU A 166 -1.67 11.04 -14.98
C GLU A 166 -0.74 10.00 -15.62
N VAL A 167 -1.28 9.21 -16.55
CA VAL A 167 -0.44 8.23 -17.24
C VAL A 167 0.58 8.95 -18.11
N LEU A 168 0.13 9.94 -18.88
CA LEU A 168 1.04 10.73 -19.72
C LEU A 168 2.15 11.34 -18.88
N ALA A 169 1.79 11.95 -17.73
CA ALA A 169 2.82 12.52 -16.88
C ALA A 169 3.77 11.42 -16.36
N GLY A 170 3.23 10.22 -16.14
CA GLY A 170 4.08 9.11 -15.74
C GLY A 170 5.04 8.67 -16.83
N LYS A 171 4.57 8.64 -18.09
CA LYS A 171 5.48 8.29 -19.18
C LYS A 171 6.59 9.32 -19.28
N GLN A 172 6.27 10.60 -19.09
CA GLN A 172 7.27 11.64 -19.18
C GLN A 172 8.25 11.55 -18.01
N ARG A 173 7.73 11.37 -16.80
CA ARG A 173 8.59 11.31 -15.61
C ARG A 173 9.54 10.12 -15.68
N LEU A 174 9.06 8.97 -16.15
CA LEU A 174 9.77 7.71 -16.00
C LEU A 174 10.43 7.23 -17.29
N SER A 175 10.60 8.11 -18.26
CA SER A 175 11.19 7.78 -19.55
C SER A 175 12.42 6.90 -19.43
N ASN A 176 12.38 5.75 -20.11
CA ASN A 176 13.41 4.71 -20.12
C ASN A 176 12.99 3.70 -21.19
N SER A 177 13.31 2.42 -21.03
CA SER A 177 13.00 1.45 -22.08
C SER A 177 11.90 0.47 -21.65
N PHE A 178 10.93 0.99 -20.92
CA PHE A 178 9.66 0.33 -20.64
C PHE A 178 8.57 1.35 -20.95
N GLU A 179 7.33 0.89 -20.98
CA GLU A 179 6.20 1.79 -21.12
C GLU A 179 5.49 1.96 -19.77
N VAL A 180 4.72 3.03 -19.68
CA VAL A 180 3.89 3.31 -18.54
C VAL A 180 2.46 3.33 -19.01
N SER A 181 1.58 2.63 -18.29
CA SER A 181 0.16 2.75 -18.60
C SER A 181 -0.64 2.39 -17.36
N SER A 182 -1.95 2.46 -17.50
CA SER A 182 -2.89 2.21 -16.41
C SER A 182 -3.50 0.83 -16.56
N LEU A 183 -3.41 0.00 -15.52
CA LEU A 183 -4.00 -1.35 -15.53
C LEU A 183 -5.09 -1.47 -14.47
N PRO A 184 -6.32 -1.84 -14.85
CA PRO A 184 -7.34 -2.13 -13.83
C PRO A 184 -7.00 -3.37 -13.03
N ASP A 185 -7.56 -3.44 -11.83
CA ASP A 185 -7.35 -4.52 -10.88
C ASP A 185 -8.67 -5.29 -10.66
N ALA A 186 -8.87 -5.81 -9.45
CA ALA A 186 -10.03 -6.65 -9.16
C ALA A 186 -11.33 -5.85 -9.03
N ASN A 187 -11.24 -4.52 -8.87
CA ASN A 187 -12.41 -3.70 -8.60
C ASN A 187 -12.69 -2.66 -9.67
N GLY A 188 -11.85 -2.55 -10.71
CA GLY A 188 -11.94 -1.43 -11.62
C GLY A 188 -11.11 -0.24 -11.21
N LYS A 189 -10.24 -0.40 -10.22
CA LYS A 189 -9.34 0.67 -9.81
C LYS A 189 -8.11 0.70 -10.72
N ASN A 190 -7.75 1.90 -11.19
CA ASN A 190 -6.59 2.06 -12.05
C ASN A 190 -5.29 1.98 -11.24
N HIS A 191 -4.31 1.27 -11.79
CA HIS A 191 -2.95 1.27 -11.24
C HIS A 191 -1.96 1.68 -12.33
N ILE A 192 -1.24 2.78 -12.10
CA ILE A 192 -0.19 3.15 -13.04
C ILE A 192 0.98 2.18 -12.94
N THR A 193 1.35 1.58 -14.07
CA THR A 193 2.22 0.42 -14.08
C THR A 193 3.30 0.58 -15.12
N ALA A 194 4.54 0.26 -14.75
CA ALA A 194 5.59 0.14 -15.76
C ALA A 194 5.56 -1.27 -16.36
N VAL A 195 5.51 -1.36 -17.69
CA VAL A 195 5.29 -2.62 -18.38
C VAL A 195 6.39 -2.84 -19.42
N LYS A 196 6.94 -4.05 -19.46
CA LYS A 196 7.97 -4.40 -20.44
C LYS A 196 7.94 -5.90 -20.63
N GLY A 197 7.81 -6.36 -21.88
CA GLY A 197 7.73 -7.80 -22.12
C GLY A 197 6.55 -8.39 -21.36
N ASP A 198 6.80 -9.43 -20.58
CA ASP A 198 5.74 -10.10 -19.82
C ASP A 198 5.83 -9.81 -18.33
N ALA A 199 6.27 -8.60 -17.98
CA ALA A 199 6.51 -8.17 -16.60
C ALA A 199 5.89 -6.80 -16.38
N LYS A 200 5.49 -6.56 -15.12
CA LYS A 200 4.76 -5.36 -14.73
C LYS A 200 5.21 -4.94 -13.34
N ILE A 201 5.39 -3.64 -13.14
CA ILE A 201 5.64 -3.09 -11.82
C ILE A 201 4.64 -1.96 -11.57
N PRO A 202 3.71 -2.10 -10.61
CA PRO A 202 2.92 -0.94 -10.17
C PRO A 202 3.88 0.09 -9.61
N VAL A 203 3.83 1.30 -10.18
CA VAL A 203 4.94 2.24 -9.95
C VAL A 203 4.96 2.71 -8.50
N ASP A 204 3.83 2.74 -7.80
CA ASP A 204 3.87 3.20 -6.41
C ASP A 204 4.77 2.33 -5.55
N LYS A 205 5.04 1.08 -5.96
CA LYS A 205 5.94 0.24 -5.18
C LYS A 205 7.36 0.78 -5.21
N ILE A 206 7.73 1.44 -6.29
CA ILE A 206 9.04 2.06 -6.39
C ILE A 206 9.02 3.50 -5.90
N GLU A 207 8.06 4.29 -6.40
CA GLU A 207 8.07 5.73 -6.14
C GLU A 207 7.51 6.08 -4.76
N LEU A 208 6.67 5.23 -4.17
CA LEU A 208 6.21 5.45 -2.80
C LEU A 208 6.88 4.50 -1.82
N TYR A 209 6.65 3.18 -1.94
CA TYR A 209 7.06 2.28 -0.86
C TYR A 209 8.58 2.24 -0.71
N MET A 210 9.31 2.06 -1.81
CA MET A 210 10.77 2.03 -1.74
C MET A 210 11.36 3.38 -1.33
N ARG A 211 10.62 4.47 -1.50
CA ARG A 211 11.11 5.80 -1.16
C ARG A 211 10.60 6.28 0.20
N GLY A 212 10.14 5.38 1.05
CA GLY A 212 9.79 5.79 2.40
C GLY A 212 8.47 6.51 2.50
N LYS A 213 7.63 6.40 1.49
CA LYS A 213 6.37 7.14 1.40
C LYS A 213 5.17 6.20 1.54
N ALA A 214 5.36 5.06 2.23
CA ALA A 214 4.26 4.14 2.51
C ALA A 214 3.07 4.90 3.11
N SER A 215 1.88 4.46 2.75
CA SER A 215 0.66 5.08 3.27
C SER A 215 0.52 4.78 4.77
N GLY A 216 -0.25 5.62 5.44
CA GLY A 216 -0.52 5.45 6.85
C GLY A 216 0.05 6.64 7.60
N ASP A 217 -0.73 7.14 8.57
CA ASP A 217 -0.25 8.16 9.50
C ASP A 217 0.47 7.43 10.61
N LEU A 218 1.81 7.47 10.58
CA LEU A 218 2.60 6.69 11.53
C LEU A 218 2.21 7.05 12.96
N ASP A 219 2.06 8.35 13.25
CA ASP A 219 1.77 8.77 14.63
C ASP A 219 0.38 8.33 15.06
N SER A 220 -0.58 8.30 14.15
CA SER A 220 -1.91 7.83 14.50
C SER A 220 -1.91 6.33 14.79
N LEU A 221 -1.32 5.54 13.89
CA LEU A 221 -1.25 4.10 14.09
C LEU A 221 -0.46 3.76 15.35
N GLN A 222 0.61 4.51 15.63
CA GLN A 222 1.46 4.22 16.78
C GLN A 222 0.70 4.42 18.08
N ALA A 223 -0.12 5.48 18.17
CA ALA A 223 -0.87 5.70 19.40
C ALA A 223 -2.02 4.71 19.54
N GLU A 224 -2.69 4.34 18.44
CA GLU A 224 -3.71 3.31 18.54
C GLU A 224 -3.09 1.97 18.93
N TYR A 225 -1.89 1.68 18.40
CA TYR A 225 -1.19 0.44 18.75
C TYR A 225 -0.70 0.46 20.19
N ASN A 226 -0.05 1.55 20.62
CA ASN A 226 0.43 1.65 22.00
C ASN A 226 -0.72 1.61 23.00
N SER A 227 -1.90 2.11 22.60
CA SER A 227 -3.08 1.99 23.43
C SER A 227 -3.39 0.52 23.72
N LEU A 228 -3.46 -0.30 22.68
CA LEU A 228 -3.72 -1.73 22.85
C LEU A 228 -2.58 -2.43 23.57
N LYS A 229 -1.34 -2.07 23.25
CA LYS A 229 -0.17 -2.69 23.88
C LYS A 229 -0.22 -2.55 25.39
N ASP A 230 -0.56 -1.36 25.90
CA ASP A 230 -0.61 -1.16 27.36
C ASP A 230 -1.73 -1.97 27.99
N ALA A 231 -2.86 -2.11 27.29
CA ALA A 231 -3.94 -2.92 27.84
C ALA A 231 -3.52 -4.38 27.95
N ARG A 232 -2.80 -4.90 26.95
CA ARG A 232 -2.35 -6.29 27.01
C ARG A 232 -1.32 -6.49 28.11
N ILE A 233 -0.39 -5.53 28.27
CA ILE A 233 0.56 -5.58 29.36
C ILE A 233 -0.16 -5.53 30.71
N SER A 234 -1.23 -4.74 30.81
CA SER A 234 -1.92 -4.56 32.08
C SER A 234 -2.66 -5.82 32.50
N SER A 235 -3.30 -6.52 31.56
CA SER A 235 -3.99 -7.76 31.90
C SER A 235 -4.06 -8.60 30.62
N GLN A 236 -3.04 -9.44 30.41
CA GLN A 236 -2.99 -10.26 29.22
C GLN A 236 -4.14 -11.28 29.19
N LYS A 237 -4.46 -11.88 30.34
CA LYS A 237 -5.58 -12.82 30.41
C LYS A 237 -6.88 -12.17 29.99
N GLU A 238 -7.10 -10.93 30.42
CA GLU A 238 -8.33 -10.20 30.09
C GLU A 238 -8.32 -9.77 28.63
N PHE A 239 -7.18 -9.26 28.15
CA PHE A 239 -7.02 -8.88 26.76
C PHE A 239 -7.28 -10.06 25.82
N ALA A 240 -6.81 -11.26 26.20
CA ALA A 240 -6.93 -12.42 25.34
C ALA A 240 -8.38 -12.89 25.19
N LYS A 241 -9.24 -12.55 26.15
CA LYS A 241 -10.61 -13.07 26.17
C LYS A 241 -11.35 -12.81 24.87
N ASP A 242 -11.08 -11.69 24.21
CA ASP A 242 -11.73 -11.34 22.95
C ASP A 242 -10.70 -11.30 21.83
N PRO A 243 -10.76 -12.21 20.85
CA PRO A 243 -9.73 -12.21 19.79
C PRO A 243 -9.74 -10.94 18.95
N ASN A 244 -10.76 -10.09 19.08
CA ASN A 244 -10.76 -8.80 18.40
C ASN A 244 -9.64 -7.91 18.90
N ASN A 245 -9.31 -7.99 20.19
CA ASN A 245 -8.18 -7.23 20.75
C ASN A 245 -6.90 -7.56 19.98
N ALA A 246 -6.55 -8.84 19.91
CA ALA A 246 -5.31 -9.26 19.27
C ALA A 246 -5.36 -9.06 17.75
N LYS A 247 -6.55 -9.13 17.14
CA LYS A 247 -6.64 -8.83 15.71
C LYS A 247 -6.27 -7.39 15.41
N ARG A 248 -6.83 -6.44 16.15
CA ARG A 248 -6.55 -5.03 15.92
C ARG A 248 -5.07 -4.69 16.19
N MET A 249 -4.49 -5.25 17.24
CA MET A 249 -3.11 -4.95 17.59
C MET A 249 -2.15 -5.50 16.56
N GLU A 250 -2.41 -6.72 16.07
CA GLU A 250 -1.51 -7.33 15.10
C GLU A 250 -1.58 -6.62 13.75
N VAL A 251 -2.76 -6.11 13.37
CA VAL A 251 -2.87 -5.39 12.10
C VAL A 251 -2.21 -4.01 12.20
N LEU A 252 -2.37 -3.34 13.35
CA LEU A 252 -1.64 -2.10 13.56
C LEU A 252 -0.14 -2.34 13.53
N GLU A 253 0.32 -3.40 14.20
CA GLU A 253 1.75 -3.69 14.26
C GLU A 253 2.32 -3.90 12.87
N LYS A 254 1.59 -4.60 12.00
CA LYS A 254 2.08 -4.87 10.65
C LYS A 254 2.16 -3.59 9.84
N GLN A 255 1.11 -2.76 9.91
CA GLN A 255 1.12 -1.46 9.23
C GLN A 255 2.31 -0.62 9.66
N ILE A 256 2.55 -0.54 10.98
CA ILE A 256 3.69 0.19 11.48
C ILE A 256 4.98 -0.41 10.94
N HIS A 257 5.04 -1.74 10.93
CA HIS A 257 6.21 -2.47 10.48
C HIS A 257 6.48 -2.22 8.99
N ASN A 258 5.43 -2.06 8.19
CA ASN A 258 5.61 -1.78 6.76
C ASN A 258 6.17 -0.39 6.53
N ILE A 259 5.60 0.62 7.18
CA ILE A 259 6.18 1.97 7.17
C ILE A 259 7.65 1.95 7.57
N GLU A 260 7.99 1.22 8.65
CA GLU A 260 9.37 1.30 9.16
C GLU A 260 10.35 0.66 8.20
N ARG A 261 9.96 -0.45 7.55
CA ARG A 261 10.76 -0.99 6.45
C ARG A 261 10.75 -0.05 5.24
N SER A 262 9.62 0.58 4.95
CA SER A 262 9.59 1.49 3.80
C SER A 262 10.54 2.67 4.01
N GLN A 263 10.53 3.24 5.22
CA GLN A 263 11.43 4.35 5.51
C GLN A 263 12.89 3.91 5.59
N ASP A 264 13.14 2.69 6.08
CA ASP A 264 14.52 2.22 6.18
C ASP A 264 15.09 1.91 4.80
N MET A 265 14.27 1.33 3.92
CA MET A 265 14.67 1.15 2.53
C MET A 265 15.04 2.49 1.88
N ALA A 266 14.18 3.50 2.04
CA ALA A 266 14.45 4.82 1.50
C ALA A 266 15.80 5.33 1.97
N ARG A 267 16.12 5.14 3.25
CA ARG A 267 17.36 5.65 3.80
C ARG A 267 18.56 4.85 3.32
N VAL A 268 18.39 3.56 3.07
CA VAL A 268 19.50 2.75 2.56
C VAL A 268 19.95 3.26 1.20
N LEU A 269 19.00 3.44 0.28
CA LEU A 269 19.32 4.02 -1.01
C LEU A 269 19.84 5.45 -0.87
N GLU A 270 19.27 6.21 0.09
CA GLU A 270 19.73 7.57 0.32
C GLU A 270 21.20 7.59 0.70
N GLN A 271 21.58 6.79 1.68
CA GLN A 271 22.97 6.80 2.15
C GLN A 271 23.93 6.32 1.08
N ALA A 272 23.45 5.49 0.16
CA ALA A 272 24.30 5.00 -0.91
C ALA A 272 24.46 6.01 -2.06
N GLY A 273 23.75 7.13 -2.01
CA GLY A 273 23.76 8.10 -3.08
C GLY A 273 22.70 7.90 -4.16
N ILE A 274 21.80 6.93 -3.99
CA ILE A 274 20.78 6.66 -5.00
C ILE A 274 19.51 7.39 -4.56
N VAL A 275 19.49 8.72 -4.73
CA VAL A 275 18.44 9.53 -4.13
C VAL A 275 17.15 9.41 -4.93
N ASN A 276 16.11 10.08 -4.47
CA ASN A 276 14.77 9.92 -5.04
C ASN A 276 14.61 10.81 -6.27
N THR A 277 15.18 10.35 -7.39
CA THR A 277 14.94 11.02 -8.66
C THR A 277 14.23 10.08 -9.64
N ALA A 278 13.58 10.71 -10.60
CA ALA A 278 12.94 9.99 -11.69
C ALA A 278 13.94 9.09 -12.39
N SER A 279 15.11 9.64 -12.71
CA SER A 279 16.18 8.89 -13.36
C SER A 279 16.52 7.62 -12.58
N ASN A 280 16.71 7.74 -11.26
CA ASN A 280 17.05 6.57 -10.44
C ASN A 280 15.89 5.59 -10.36
N ASN A 281 14.67 6.09 -10.11
CA ASN A 281 13.51 5.21 -10.02
C ASN A 281 13.25 4.52 -11.36
N SER A 282 13.40 5.24 -12.46
CA SER A 282 13.23 4.64 -13.77
C SER A 282 14.26 3.55 -14.02
N MET A 283 15.54 3.86 -13.75
CA MET A 283 16.59 2.86 -13.88
C MET A 283 16.29 1.63 -13.04
N ILE A 284 15.74 1.82 -11.83
CA ILE A 284 15.43 0.68 -10.97
C ILE A 284 14.28 -0.15 -11.56
N MET A 285 13.22 0.51 -12.02
CA MET A 285 12.14 -0.21 -12.70
C MET A 285 12.68 -1.04 -13.86
N ASP A 286 13.59 -0.47 -14.66
CA ASP A 286 14.03 -1.15 -15.87
C ASP A 286 14.82 -2.40 -15.53
N LYS A 287 15.70 -2.32 -14.52
CA LYS A 287 16.49 -3.48 -14.13
C LYS A 287 15.60 -4.56 -13.51
N LEU A 288 14.64 -4.16 -12.68
CA LEU A 288 13.74 -5.15 -12.10
C LEU A 288 12.93 -5.84 -13.20
N LEU A 289 12.38 -5.07 -14.14
CA LEU A 289 11.61 -5.64 -15.25
C LEU A 289 12.46 -6.61 -16.06
N ASP A 290 13.70 -6.24 -16.39
CA ASP A 290 14.59 -7.18 -17.07
C ASP A 290 14.74 -8.47 -16.26
N SER A 291 14.94 -8.34 -14.95
CA SER A 291 15.21 -9.53 -14.13
C SER A 291 14.02 -10.49 -14.07
N ALA A 292 12.81 -9.99 -14.34
CA ALA A 292 11.60 -10.81 -14.29
C ALA A 292 11.29 -11.54 -15.60
N GLN A 293 11.89 -11.12 -16.72
CA GLN A 293 11.45 -11.57 -18.04
C GLN A 293 11.47 -13.09 -18.15
N GLY A 294 10.36 -13.65 -18.61
CA GLY A 294 10.23 -15.08 -18.79
C GLY A 294 10.24 -15.93 -17.53
N ALA A 295 10.05 -15.32 -16.35
CA ALA A 295 10.18 -16.09 -15.11
C ALA A 295 9.07 -17.14 -15.00
N THR A 296 9.23 -18.03 -14.02
CA THR A 296 8.32 -19.14 -13.79
C THR A 296 7.91 -19.19 -12.33
N SER A 297 6.88 -20.01 -12.07
CA SER A 297 6.42 -20.25 -10.70
C SER A 297 7.44 -21.03 -9.88
N ALA A 298 8.42 -21.65 -10.53
CA ALA A 298 9.55 -22.27 -9.85
C ALA A 298 10.24 -21.23 -8.98
N ASN A 299 10.87 -20.24 -9.59
CA ASN A 299 11.48 -19.14 -8.87
C ASN A 299 10.75 -17.83 -9.19
N ARG A 300 10.14 -17.25 -8.17
CA ARG A 300 9.39 -16.01 -8.26
C ARG A 300 10.10 -14.84 -7.60
N LYS A 301 11.35 -15.03 -7.18
CA LYS A 301 12.13 -14.00 -6.51
C LYS A 301 13.31 -13.65 -7.38
N THR A 302 13.58 -12.36 -7.54
CA THR A 302 14.77 -11.90 -8.25
C THR A 302 15.42 -10.80 -7.43
N SER A 303 16.61 -10.39 -7.86
CA SER A 303 17.29 -9.25 -7.25
C SER A 303 18.15 -8.56 -8.30
N VAL A 304 18.35 -7.27 -8.11
CA VAL A 304 19.31 -6.52 -8.91
C VAL A 304 20.19 -5.73 -7.96
N VAL A 305 21.36 -5.34 -8.45
CA VAL A 305 22.30 -4.47 -7.73
C VAL A 305 22.37 -3.14 -8.45
N VAL A 306 22.11 -2.04 -7.74
CA VAL A 306 22.26 -0.69 -8.25
C VAL A 306 23.44 -0.02 -7.55
N SER A 307 24.05 0.95 -8.23
CA SER A 307 25.30 1.57 -7.79
C SER A 307 25.12 3.07 -7.60
N GLY A 308 25.61 3.58 -6.47
CA GLY A 308 25.68 5.00 -6.22
C GLY A 308 27.08 5.43 -5.85
N PRO A 309 27.31 6.74 -5.74
CA PRO A 309 28.65 7.23 -5.40
C PRO A 309 29.17 6.73 -4.06
N ASN A 310 28.31 6.28 -3.17
CA ASN A 310 28.72 5.83 -1.84
C ASN A 310 28.65 4.32 -1.66
N GLY A 311 28.22 3.58 -2.67
CA GLY A 311 28.19 2.14 -2.58
C GLY A 311 27.05 1.56 -3.40
N ASN A 312 26.95 0.23 -3.34
CA ASN A 312 25.91 -0.53 -4.02
C ASN A 312 24.78 -0.89 -3.06
N VAL A 313 23.60 -1.11 -3.64
CA VAL A 313 22.44 -1.62 -2.90
C VAL A 313 21.81 -2.74 -3.72
N ARG A 314 21.64 -3.90 -3.11
CA ARG A 314 20.89 -4.99 -3.72
C ARG A 314 19.41 -4.80 -3.42
N ILE A 315 18.58 -4.88 -4.45
CA ILE A 315 17.13 -4.76 -4.31
C ILE A 315 16.53 -6.11 -4.61
N TYR A 316 15.75 -6.64 -3.68
CA TYR A 316 15.11 -7.94 -3.83
C TYR A 316 13.66 -7.72 -4.23
N ALA A 317 13.17 -8.54 -5.15
CA ALA A 317 11.79 -8.42 -5.56
C ALA A 317 11.17 -9.80 -5.58
N THR A 318 9.90 -9.88 -5.19
CA THR A 318 9.10 -11.06 -5.40
C THR A 318 7.99 -10.72 -6.39
N TRP A 319 7.69 -11.67 -7.26
CA TRP A 319 6.76 -11.49 -8.35
C TRP A 319 5.61 -12.48 -8.22
N THR A 320 4.40 -12.01 -8.45
CA THR A 320 3.28 -12.90 -8.62
C THR A 320 3.21 -13.38 -10.07
N ILE A 321 3.00 -14.67 -10.27
CA ILE A 321 2.73 -15.22 -11.60
C ILE A 321 1.23 -15.14 -11.82
N LEU A 322 0.82 -14.34 -12.79
CA LEU A 322 -0.60 -14.18 -13.07
C LEU A 322 -1.11 -15.34 -13.94
N PRO A 323 -2.42 -15.55 -13.98
CA PRO A 323 -2.97 -16.63 -14.82
C PRO A 323 -2.53 -16.59 -16.28
N ASP A 324 -2.27 -15.42 -16.87
CA ASP A 324 -1.82 -15.39 -18.26
C ASP A 324 -0.33 -15.63 -18.42
N GLY A 325 0.38 -15.98 -17.33
CA GLY A 325 1.80 -16.21 -17.37
C GLY A 325 2.69 -14.97 -17.21
N THR A 326 2.12 -13.77 -17.21
CA THR A 326 2.97 -12.61 -16.95
C THR A 326 3.27 -12.48 -15.46
N LYS A 327 4.26 -11.65 -15.16
CA LYS A 327 4.73 -11.42 -13.80
C LYS A 327 4.40 -9.99 -13.37
N ARG A 328 3.91 -9.86 -12.14
CA ARG A 328 3.69 -8.56 -11.53
C ARG A 328 4.46 -8.51 -10.22
N LEU A 329 5.25 -7.46 -10.05
CA LEU A 329 6.00 -7.23 -8.83
C LEU A 329 5.04 -7.14 -7.65
N SER A 330 5.31 -7.95 -6.63
CA SER A 330 4.51 -8.00 -5.42
C SER A 330 5.16 -7.34 -4.22
N THR A 331 6.45 -7.56 -4.00
CA THR A 331 7.15 -6.90 -2.91
C THR A 331 8.51 -6.45 -3.43
N VAL A 332 8.98 -5.34 -2.89
CA VAL A 332 10.32 -4.84 -3.12
C VAL A 332 10.96 -4.57 -1.76
N ASN A 333 12.21 -5.00 -1.60
CA ASN A 333 12.92 -4.83 -0.34
C ASN A 333 14.41 -4.68 -0.61
N THR A 334 15.06 -3.84 0.19
CA THR A 334 16.50 -3.84 0.35
C THR A 334 16.84 -4.50 1.68
N GLY A 335 18.13 -4.78 1.88
CA GLY A 335 18.60 -5.12 3.20
C GLY A 335 18.65 -3.93 4.15
N THR A 336 19.40 -4.05 5.24
CA THR A 336 19.50 -2.97 6.22
C THR A 336 20.82 -3.11 6.97
N PHE A 337 21.04 -2.21 7.94
CA PHE A 337 22.26 -2.19 8.74
C PHE A 337 21.94 -2.19 10.22
N SER B 6 -19.43 -15.56 6.83
CA SER B 6 -18.75 -15.71 5.54
C SER B 6 -17.25 -15.94 5.76
N THR B 7 -16.91 -17.18 6.12
CA THR B 7 -15.54 -17.54 6.46
C THR B 7 -14.83 -18.37 5.40
N ALA B 8 -15.57 -19.15 4.59
CA ALA B 8 -14.94 -19.96 3.56
C ALA B 8 -14.15 -19.09 2.58
N LYS B 9 -14.57 -17.84 2.41
CA LYS B 9 -13.78 -16.86 1.68
C LYS B 9 -12.41 -16.69 2.33
N ASP B 10 -12.38 -16.45 3.64
CA ASP B 10 -11.11 -16.29 4.34
C ASP B 10 -10.24 -17.54 4.25
N ILE B 11 -10.86 -18.73 4.28
CA ILE B 11 -10.11 -19.97 4.18
C ILE B 11 -9.50 -20.14 2.79
N GLU B 12 -10.21 -19.71 1.74
CA GLU B 12 -9.67 -19.84 0.39
C GLU B 12 -8.60 -18.80 0.10
N GLY B 13 -8.68 -17.63 0.75
CA GLY B 13 -7.56 -16.70 0.69
C GLY B 13 -6.33 -17.27 1.36
N LEU B 14 -6.50 -17.95 2.49
CA LEU B 14 -5.38 -18.60 3.16
C LEU B 14 -4.82 -19.75 2.32
N GLU B 15 -5.70 -20.64 1.84
CA GLU B 15 -5.23 -21.77 1.03
C GLU B 15 -4.37 -21.31 -0.13
N SER B 16 -4.76 -20.21 -0.79
CA SER B 16 -4.00 -19.69 -1.91
C SER B 16 -2.65 -19.11 -1.48
N TYR B 17 -2.57 -18.50 -0.30
CA TYR B 17 -1.29 -18.00 0.20
C TYR B 17 -0.30 -19.15 0.43
N LEU B 18 -0.76 -20.24 1.05
CA LEU B 18 0.14 -21.38 1.25
C LEU B 18 0.50 -22.06 -0.06
N ALA B 19 -0.36 -21.93 -1.08
CA ALA B 19 -0.13 -22.62 -2.36
C ALA B 19 0.77 -21.81 -3.30
N ASN B 20 0.34 -20.60 -3.67
CA ASN B 20 1.06 -19.74 -4.61
C ASN B 20 1.70 -18.53 -3.97
N GLY B 21 1.56 -18.34 -2.66
CA GLY B 21 2.13 -17.19 -1.98
C GLY B 21 1.33 -15.92 -2.08
N TYR B 22 0.12 -15.95 -2.64
CA TYR B 22 -0.74 -14.78 -2.71
C TYR B 22 -2.17 -15.15 -2.35
N VAL B 23 -2.93 -14.17 -1.89
CA VAL B 23 -4.31 -14.45 -1.51
C VAL B 23 -5.19 -14.55 -2.75
N GLU B 24 -5.13 -13.54 -3.61
CA GLU B 24 -5.77 -13.60 -4.92
C GLU B 24 -4.84 -12.96 -5.94
N ALA B 25 -5.00 -13.38 -7.20
CA ALA B 25 -4.04 -13.02 -8.23
C ALA B 25 -4.01 -11.51 -8.46
N ASN B 26 -5.18 -10.88 -8.56
CA ASN B 26 -5.27 -9.48 -8.94
C ASN B 26 -5.24 -8.54 -7.74
N SER B 27 -4.62 -8.93 -6.64
CA SER B 27 -4.41 -8.03 -5.49
C SER B 27 -3.03 -7.41 -5.58
N PHE B 28 -2.96 -6.11 -5.39
CA PHE B 28 -1.71 -5.39 -5.55
C PHE B 28 -0.96 -5.21 -4.22
N ASN B 29 -1.47 -5.81 -3.15
CA ASN B 29 -0.84 -5.74 -1.83
C ASN B 29 0.28 -6.79 -1.71
N ASP B 30 1.22 -6.51 -0.80
CA ASP B 30 2.03 -7.56 -0.20
C ASP B 30 1.10 -8.70 0.18
N PRO B 31 1.28 -9.89 -0.39
CA PRO B 31 0.34 -10.98 -0.08
C PRO B 31 0.38 -11.42 1.37
N GLU B 32 1.46 -11.12 2.09
CA GLU B 32 1.49 -11.39 3.52
C GLU B 32 0.47 -10.55 4.26
N ASP B 33 0.29 -9.30 3.84
CA ASP B 33 -0.70 -8.42 4.47
C ASP B 33 -2.12 -8.91 4.18
N ASP B 34 -2.41 -9.31 2.94
CA ASP B 34 -3.71 -9.90 2.64
C ASP B 34 -3.96 -11.13 3.50
N ALA B 35 -2.93 -11.96 3.69
CA ALA B 35 -3.08 -13.19 4.45
C ALA B 35 -3.28 -12.91 5.94
N LEU B 36 -2.55 -11.93 6.49
CA LEU B 36 -2.76 -11.55 7.88
C LEU B 36 -4.20 -11.14 8.12
N GLU B 37 -4.78 -10.39 7.18
CA GLU B 37 -6.18 -10.02 7.32
C GLU B 37 -7.08 -11.25 7.25
N CYS B 38 -6.82 -12.15 6.30
CA CYS B 38 -7.63 -13.37 6.21
C CYS B 38 -7.47 -14.23 7.47
N LEU B 39 -6.26 -14.28 8.03
CA LEU B 39 -6.03 -15.12 9.20
C LEU B 39 -6.70 -14.53 10.43
N SER B 40 -6.56 -13.22 10.65
CA SER B 40 -7.20 -12.61 11.80
C SER B 40 -8.72 -12.55 11.64
N ASN B 41 -9.21 -12.37 10.41
CA ASN B 41 -10.66 -12.42 10.19
C ASN B 41 -11.22 -13.79 10.52
N LEU B 42 -10.48 -14.85 10.16
CA LEU B 42 -10.94 -16.21 10.45
C LEU B 42 -10.90 -16.49 11.95
N LEU B 43 -9.84 -16.03 12.64
CA LEU B 43 -9.68 -16.31 14.06
C LEU B 43 -10.81 -15.72 14.88
N VAL B 44 -11.30 -14.55 14.48
CA VAL B 44 -12.40 -13.92 15.20
C VAL B 44 -13.73 -14.59 14.87
N LYS B 45 -13.95 -14.99 13.61
CA LYS B 45 -15.23 -15.60 13.24
C LYS B 45 -15.33 -17.06 13.65
N ASP B 46 -14.20 -17.78 13.67
CA ASP B 46 -14.19 -19.23 13.91
C ASP B 46 -12.82 -19.58 14.49
N SER B 47 -12.72 -19.60 15.82
CA SER B 47 -11.45 -19.90 16.47
C SER B 47 -10.92 -21.26 16.05
N ARG B 48 -11.74 -22.31 16.21
CA ARG B 48 -11.34 -23.69 15.92
C ARG B 48 -10.65 -23.81 14.56
N GLY B 49 -11.24 -23.21 13.52
CA GLY B 49 -10.59 -23.20 12.21
C GLY B 49 -9.52 -22.15 12.07
N GLY B 50 -9.60 -21.06 12.84
CA GLY B 50 -8.59 -20.02 12.75
C GLY B 50 -7.29 -20.46 13.40
N LEU B 51 -7.38 -21.16 14.52
CA LEU B 51 -6.16 -21.67 15.13
C LEU B 51 -5.52 -22.77 14.30
N SER B 52 -6.33 -23.49 13.51
CA SER B 52 -5.80 -24.52 12.63
C SER B 52 -4.85 -23.92 11.60
N PHE B 53 -5.23 -22.79 11.01
CA PHE B 53 -4.35 -22.14 10.05
C PHE B 53 -3.17 -21.45 10.74
N CYS B 54 -3.29 -21.10 12.02
CA CYS B 54 -2.11 -20.66 12.76
C CYS B 54 -1.08 -21.78 12.83
N LYS B 55 -1.55 -23.01 13.02
CA LYS B 55 -0.63 -24.15 12.97
C LYS B 55 -0.13 -24.38 11.55
N LYS B 56 -1.04 -24.34 10.56
CA LYS B 56 -0.64 -24.54 9.17
C LYS B 56 0.38 -23.51 8.69
N ILE B 57 0.47 -22.37 9.38
CA ILE B 57 1.50 -21.37 9.10
C ILE B 57 2.75 -21.63 9.92
N LEU B 58 2.58 -22.08 11.17
CA LEU B 58 3.68 -22.22 12.11
C LEU B 58 4.60 -23.39 11.78
N ASN B 59 4.21 -24.26 10.86
CA ASN B 59 5.03 -25.39 10.47
C ASN B 59 5.42 -25.38 9.01
N SER B 60 4.69 -24.64 8.16
CA SER B 60 4.94 -24.57 6.72
C SER B 60 6.34 -24.03 6.41
N ASN B 61 7.16 -24.86 5.77
CA ASN B 61 8.50 -24.47 5.32
C ASN B 61 8.45 -23.90 3.91
N ASN B 62 7.33 -23.26 3.55
CA ASN B 62 7.11 -22.80 2.18
C ASN B 62 6.25 -21.53 2.17
N ILE B 63 6.46 -20.64 3.15
CA ILE B 63 5.74 -19.39 3.25
C ILE B 63 6.75 -18.26 3.11
N ASP B 64 6.41 -17.25 2.29
CA ASP B 64 7.31 -16.12 2.06
C ASP B 64 7.57 -15.35 3.35
N GLY B 65 6.53 -14.84 3.97
CA GLY B 65 6.70 -13.88 5.03
C GLY B 65 7.07 -14.50 6.37
N VAL B 66 7.85 -13.74 7.13
CA VAL B 66 8.24 -14.12 8.49
C VAL B 66 7.29 -13.52 9.52
N PHE B 67 6.84 -12.28 9.29
CA PHE B 67 5.92 -11.62 10.21
C PHE B 67 4.74 -12.51 10.55
N ILE B 68 4.15 -13.14 9.51
CA ILE B 68 2.90 -13.89 9.66
C ILE B 68 3.07 -15.11 10.55
N LYS B 69 4.28 -15.67 10.62
CA LYS B 69 4.54 -16.73 11.58
C LYS B 69 4.44 -16.20 13.01
N GLY B 70 4.97 -14.99 13.25
CA GLY B 70 4.80 -14.38 14.55
C GLY B 70 3.35 -14.10 14.87
N SER B 71 2.59 -13.64 13.87
CA SER B 71 1.15 -13.48 14.04
C SER B 71 0.49 -14.78 14.49
N ALA B 72 0.77 -15.87 13.77
CA ALA B 72 0.16 -17.16 14.11
C ALA B 72 0.53 -17.59 15.53
N LEU B 73 1.82 -17.55 15.87
CA LEU B 73 2.26 -17.92 17.22
C LEU B 73 1.56 -17.07 18.27
N ASN B 74 1.54 -15.75 18.07
CA ASN B 74 0.91 -14.83 19.00
C ASN B 74 -0.57 -15.17 19.20
N PHE B 75 -1.26 -15.57 18.12
CA PHE B 75 -2.68 -15.87 18.23
C PHE B 75 -2.95 -17.12 19.05
N LEU B 76 -2.06 -18.11 18.98
CA LEU B 76 -2.22 -19.33 19.79
C LEU B 76 -1.88 -19.06 21.25
N LEU B 77 -0.85 -18.25 21.50
CA LEU B 77 -0.48 -17.92 22.88
C LEU B 77 -1.63 -17.25 23.62
N LEU B 78 -2.42 -16.42 22.92
CA LEU B 78 -3.53 -15.71 23.51
C LEU B 78 -4.85 -16.48 23.41
N SER B 79 -4.79 -17.77 23.12
CA SER B 79 -5.97 -18.60 22.97
C SER B 79 -5.93 -19.74 23.96
N GLU B 80 -7.03 -20.51 24.01
CA GLU B 80 -7.09 -21.68 24.86
C GLU B 80 -6.13 -22.78 24.46
N GLN B 81 -5.51 -22.68 23.28
CA GLN B 81 -4.48 -23.63 22.85
C GLN B 81 -3.08 -23.08 23.04
N TRP B 82 -2.90 -22.23 24.07
CA TRP B 82 -1.59 -21.67 24.41
C TRP B 82 -0.54 -22.76 24.57
N SER B 83 -0.96 -23.97 24.96
CA SER B 83 -0.01 -25.03 25.25
C SER B 83 0.60 -25.59 23.97
N TYR B 84 -0.17 -25.62 22.88
CA TYR B 84 0.43 -25.94 21.59
C TYR B 84 1.55 -24.97 21.23
N ALA B 85 1.42 -23.72 21.64
CA ALA B 85 2.47 -22.74 21.36
C ALA B 85 3.65 -22.89 22.30
N PHE B 86 3.40 -23.22 23.58
CA PHE B 86 4.50 -23.46 24.52
C PHE B 86 5.36 -24.61 24.05
N GLU B 87 4.74 -25.69 23.58
CA GLU B 87 5.50 -26.86 23.15
C GLU B 87 6.12 -26.67 21.78
N TYR B 88 5.60 -25.75 20.96
CA TYR B 88 6.25 -25.41 19.70
C TYR B 88 7.56 -24.66 19.95
N LEU B 89 7.55 -23.75 20.92
CA LEU B 89 8.74 -22.97 21.22
C LEU B 89 9.81 -23.80 21.91
N THR B 90 9.40 -24.83 22.67
CA THR B 90 10.39 -25.66 23.36
C THR B 90 11.20 -26.49 22.37
N SER B 91 10.54 -27.06 21.36
CA SER B 91 11.24 -27.94 20.44
C SER B 91 11.90 -27.20 19.28
N ASN B 92 11.31 -26.10 18.81
CA ASN B 92 11.82 -25.42 17.63
C ASN B 92 12.64 -24.16 17.95
N ALA B 93 13.01 -23.95 19.22
CA ALA B 93 13.68 -22.72 19.63
C ALA B 93 14.89 -22.38 18.78
N ASP B 94 15.61 -23.41 18.30
CA ASP B 94 16.76 -23.17 17.43
C ASP B 94 16.36 -22.69 16.04
N ASN B 95 15.14 -23.00 15.58
CA ASN B 95 14.72 -22.70 14.23
C ASN B 95 13.77 -21.51 14.12
N ILE B 96 13.24 -21.01 15.25
CA ILE B 96 12.20 -20.00 15.19
C ILE B 96 12.76 -18.71 14.60
N THR B 97 11.92 -18.01 13.85
CA THR B 97 12.30 -16.79 13.15
C THR B 97 12.42 -15.63 14.13
N LEU B 98 12.84 -14.48 13.58
CA LEU B 98 12.88 -13.24 14.36
C LEU B 98 11.51 -12.90 14.91
N ALA B 99 10.46 -13.03 14.09
CA ALA B 99 9.14 -12.59 14.50
C ALA B 99 8.59 -13.46 15.61
N GLU B 100 8.82 -14.77 15.53
CA GLU B 100 8.35 -15.68 16.58
C GLU B 100 9.08 -15.44 17.89
N LEU B 101 10.40 -15.26 17.85
CA LEU B 101 11.15 -15.07 19.09
C LEU B 101 10.71 -13.82 19.81
N GLU B 102 10.43 -12.74 19.06
CA GLU B 102 9.99 -11.51 19.71
C GLU B 102 8.56 -11.64 20.25
N LYS B 103 7.70 -12.36 19.54
CA LYS B 103 6.36 -12.63 20.08
C LYS B 103 6.43 -13.52 21.33
N ALA B 104 7.35 -14.48 21.36
CA ALA B 104 7.56 -15.28 22.57
C ALA B 104 8.07 -14.42 23.72
N LEU B 105 9.14 -13.67 23.50
CA LEU B 105 9.67 -12.81 24.56
C LEU B 105 8.63 -11.81 25.04
N PHE B 106 7.74 -11.34 24.16
CA PHE B 106 6.72 -10.37 24.58
C PHE B 106 5.59 -11.04 25.35
N TYR B 107 5.12 -12.22 24.92
CA TYR B 107 4.07 -12.88 25.67
C TYR B 107 4.47 -13.08 27.13
N PHE B 108 5.70 -13.55 27.37
CA PHE B 108 6.09 -13.84 28.74
C PHE B 108 6.41 -12.58 29.53
N TYR B 109 6.80 -11.49 28.86
CA TYR B 109 6.89 -10.22 29.56
C TYR B 109 5.54 -9.79 30.11
N CYS B 110 4.47 -9.93 29.31
CA CYS B 110 3.14 -9.61 29.80
C CYS B 110 2.67 -10.62 30.84
N ALA B 111 3.04 -11.90 30.66
CA ALA B 111 2.65 -12.93 31.61
C ALA B 111 3.25 -12.70 32.99
N LYS B 112 4.33 -11.91 33.09
CA LYS B 112 4.88 -11.57 34.41
C LYS B 112 3.89 -10.77 35.24
N ASN B 113 2.92 -10.12 34.59
CA ASN B 113 1.90 -9.34 35.29
C ASN B 113 0.62 -10.12 35.58
N GLU B 114 0.50 -11.35 35.09
CA GLU B 114 -0.72 -12.12 35.34
C GLU B 114 -0.79 -12.63 36.77
N THR B 115 -2.01 -12.68 37.29
CA THR B 115 -2.29 -13.33 38.57
C THR B 115 -1.95 -14.83 38.51
N ASP B 116 -2.30 -15.47 37.40
CA ASP B 116 -2.25 -16.93 37.25
C ASP B 116 -1.45 -17.29 36.00
N PRO B 117 -0.14 -17.11 36.01
CA PRO B 117 0.65 -17.47 34.83
C PRO B 117 0.59 -18.97 34.58
N TYR B 118 0.55 -19.34 33.30
CA TYR B 118 0.53 -20.74 32.91
C TYR B 118 1.86 -21.41 33.24
N PRO B 119 1.85 -22.71 33.52
CA PRO B 119 3.11 -23.41 33.84
C PRO B 119 4.07 -23.39 32.65
N VAL B 120 5.25 -22.81 32.88
CA VAL B 120 6.28 -22.66 31.85
C VAL B 120 7.12 -23.92 31.80
N PRO B 121 7.34 -24.50 30.62
CA PRO B 121 8.16 -25.71 30.55
C PRO B 121 9.64 -25.42 30.79
N GLU B 122 10.32 -26.41 31.36
CA GLU B 122 11.68 -26.27 31.88
C GLU B 122 12.67 -25.91 30.76
N GLY B 123 13.60 -25.01 31.07
CA GLY B 123 14.61 -24.59 30.12
C GLY B 123 14.13 -23.71 28.98
N LEU B 124 12.82 -23.45 28.87
CA LEU B 124 12.33 -22.64 27.76
C LEU B 124 12.97 -21.26 27.75
N PHE B 125 13.13 -20.64 28.94
CA PHE B 125 13.71 -19.31 28.99
C PHE B 125 15.17 -19.32 28.55
N LYS B 126 15.91 -20.40 28.87
CA LYS B 126 17.27 -20.52 28.38
C LYS B 126 17.30 -20.78 26.88
N LYS B 127 16.34 -21.55 26.35
CA LYS B 127 16.29 -21.78 24.90
C LYS B 127 15.97 -20.51 24.14
N LEU B 128 15.03 -19.71 24.64
CA LEU B 128 14.76 -18.41 24.06
C LEU B 128 16.00 -17.52 24.13
N MET B 129 16.61 -17.41 25.32
CA MET B 129 17.77 -16.56 25.47
C MET B 129 18.96 -17.09 24.66
N LYS B 130 19.02 -18.40 24.42
CA LYS B 130 19.99 -18.93 23.46
C LYS B 130 19.69 -18.41 22.06
N ARG B 131 18.42 -18.42 21.66
CA ARG B 131 18.05 -18.02 20.31
C ARG B 131 18.27 -16.53 20.10
N TYR B 132 18.04 -15.71 21.14
CA TYR B 132 18.27 -14.28 21.02
C TYR B 132 19.74 -13.98 20.73
N GLU B 133 20.66 -14.58 21.49
CA GLU B 133 22.08 -14.33 21.24
C GLU B 133 22.49 -14.72 19.82
N GLU B 134 21.75 -15.65 19.19
CA GLU B 134 22.00 -15.99 17.79
C GLU B 134 21.43 -14.92 16.86
N LEU B 135 20.21 -14.46 17.11
CA LEU B 135 19.51 -13.52 16.24
C LEU B 135 19.72 -12.07 16.62
N LYS B 136 20.43 -11.80 17.73
CA LYS B 136 20.70 -10.43 18.17
C LYS B 136 21.29 -9.58 17.06
N ASN B 137 22.17 -10.16 16.25
CA ASN B 137 22.94 -9.40 15.27
C ASN B 137 22.44 -9.56 13.85
N ASP B 138 21.21 -10.03 13.69
CA ASP B 138 20.54 -9.94 12.38
C ASP B 138 20.07 -8.50 12.18
N PRO B 139 20.54 -7.81 11.14
CA PRO B 139 20.14 -6.41 10.96
C PRO B 139 18.63 -6.18 10.92
N ASP B 140 17.85 -7.23 10.61
CA ASP B 140 16.39 -7.12 10.65
C ASP B 140 15.82 -7.11 12.07
N ALA B 141 16.65 -7.29 13.10
CA ALA B 141 16.14 -7.36 14.46
C ALA B 141 15.39 -6.10 14.86
N LYS B 142 15.86 -4.94 14.38
CA LYS B 142 15.27 -3.67 14.82
C LYS B 142 13.83 -3.47 14.34
N PHE B 143 13.42 -4.12 13.24
CA PHE B 143 12.05 -3.96 12.76
C PHE B 143 11.05 -4.67 13.66
N TYR B 144 11.49 -5.68 14.42
CA TYR B 144 10.66 -6.33 15.42
C TYR B 144 10.86 -5.77 16.80
N HIS B 145 11.76 -4.79 16.96
CA HIS B 145 12.09 -4.21 18.25
C HIS B 145 12.55 -5.30 19.22
N LEU B 146 13.44 -6.17 18.71
CA LEU B 146 13.82 -7.37 19.44
C LEU B 146 14.70 -7.03 20.64
N HIS B 147 15.67 -6.14 20.48
CA HIS B 147 16.54 -5.77 21.58
C HIS B 147 15.76 -5.09 22.69
N GLU B 148 14.69 -4.35 22.35
CA GLU B 148 13.86 -3.73 23.36
C GLU B 148 12.95 -4.77 24.03
N THR B 149 12.30 -5.63 23.25
CA THR B 149 11.48 -6.68 23.83
C THR B 149 12.32 -7.59 24.72
N TYR B 150 13.53 -7.94 24.29
CA TYR B 150 14.41 -8.76 25.12
C TYR B 150 14.78 -8.05 26.41
N ASP B 151 14.89 -6.72 26.37
CA ASP B 151 15.24 -5.98 27.59
C ASP B 151 14.13 -6.06 28.62
N ASP B 152 12.87 -5.92 28.18
CA ASP B 152 11.76 -6.07 29.12
C ASP B 152 11.65 -7.51 29.63
N PHE B 153 11.93 -8.49 28.76
CA PHE B 153 11.79 -9.90 29.13
C PHE B 153 12.80 -10.29 30.20
N SER B 154 14.05 -9.82 30.08
CA SER B 154 15.08 -10.15 31.06
C SER B 154 14.91 -9.36 32.35
N LYS B 155 14.53 -8.08 32.25
CA LYS B 155 14.26 -7.29 33.45
C LYS B 155 12.97 -7.71 34.14
N ALA B 156 12.11 -8.47 33.45
CA ALA B 156 10.96 -9.07 34.12
C ALA B 156 11.37 -10.36 34.84
N TYR B 157 12.23 -11.16 34.22
CA TYR B 157 12.69 -12.45 34.78
C TYR B 157 14.22 -12.45 34.84
N PRO B 158 14.81 -11.84 35.87
CA PRO B 158 16.28 -11.86 36.01
C PRO B 158 16.86 -13.27 36.18
#